data_1Y98
#
_entry.id   1Y98
#
_cell.length_a   113.118
_cell.length_b   113.118
_cell.length_c   121.876
_cell.angle_alpha   90.00
_cell.angle_beta   90.00
_cell.angle_gamma   120.00
#
_symmetry.space_group_name_H-M   'P 61 2 2'
#
loop_
_entity.id
_entity.type
_entity.pdbx_description
1 polymer 'Breast cancer type 1 susceptibility protein'
2 polymer 'CtIP PHOSPHORYLATED PEPTIDE'
3 non-polymer 'COBALT (II) ION'
4 non-polymer 'SULFATE ION'
5 water water
#
loop_
_entity_poly.entity_id
_entity_poly.type
_entity_poly.pdbx_seq_one_letter_code
_entity_poly.pdbx_strand_id
1 'polypeptide(L)'
;VNKRMSMVVSGLTPEEFMLVYKFARKHHITLTNLITEETTHVVMKTDAEFVCERTLKYFLGIAGGKWVVSYFWVTQSIKE
RKMLNEHDFEVRGDVVNGRNHQGPKRARESQDRKIFRGLEICCYGPFTNMPTDQLEWMVQLCGASVVKELSSFTLGTGVH
PIVVVQPDAWTEDNGFHAIGQMCEAPVVTREWVLDSVALYQCQELDTYLIPQIP
;
A
2 'polypeptide(L)' PTRVS(SEP)PVFGAT B
#
loop_
_chem_comp.id
_chem_comp.type
_chem_comp.name
_chem_comp.formula
CO non-polymer 'COBALT (II) ION' 'Co 2'
SO4 non-polymer 'SULFATE ION' 'O4 S -2'
#
# COMPACT_ATOMS: atom_id res chain seq x y z
N ARG A 4 22.92 5.79 -0.61
CA ARG A 4 21.61 5.76 -1.34
C ARG A 4 20.56 5.18 -0.39
N MET A 5 20.37 5.82 0.75
CA MET A 5 19.35 5.35 1.66
C MET A 5 18.50 6.47 2.14
N SER A 6 17.22 6.35 1.83
CA SER A 6 16.27 7.29 2.32
C SER A 6 15.18 6.50 3.00
N MET A 7 14.69 6.99 4.10
CA MET A 7 13.61 6.29 4.74
C MET A 7 12.53 7.17 5.31
N VAL A 8 11.43 6.53 5.69
CA VAL A 8 10.32 7.26 6.27
C VAL A 8 9.85 6.40 7.39
N VAL A 9 8.90 6.88 8.19
CA VAL A 9 8.44 6.06 9.31
C VAL A 9 6.95 6.01 9.37
N SER A 10 6.42 4.96 9.99
CA SER A 10 4.99 4.92 10.09
C SER A 10 4.55 4.44 11.45
N GLY A 11 3.67 5.22 12.06
CA GLY A 11 3.05 4.82 13.29
C GLY A 11 3.96 4.90 14.49
N LEU A 12 4.96 5.77 14.41
CA LEU A 12 5.94 5.95 15.47
C LEU A 12 5.54 7.16 16.22
N THR A 13 5.93 7.21 17.49
CA THR A 13 5.66 8.33 18.36
C THR A 13 6.85 9.21 18.10
N PRO A 14 6.78 10.46 18.62
CA PRO A 14 7.90 11.35 18.59
C PRO A 14 9.15 10.75 19.21
N GLU A 15 9.05 10.08 20.35
CA GLU A 15 10.26 9.48 20.96
C GLU A 15 10.80 8.44 20.03
N GLU A 16 9.90 7.71 19.37
CA GLU A 16 10.35 6.66 18.46
C GLU A 16 11.02 7.28 17.24
N PHE A 17 10.43 8.33 16.71
CA PHE A 17 11.02 9.02 15.60
C PHE A 17 12.49 9.41 15.87
N MET A 18 12.75 9.74 17.13
CA MET A 18 14.04 10.29 17.52
C MET A 18 15.11 9.29 17.51
N LEU A 19 14.75 8.08 17.93
CA LEU A 19 15.67 6.98 17.81
C LEU A 19 15.98 6.73 16.35
N VAL A 20 14.96 6.64 15.51
CA VAL A 20 15.19 6.50 14.09
C VAL A 20 16.08 7.65 13.60
N TYR A 21 15.87 8.86 14.13
CA TYR A 21 16.74 9.95 13.77
C TYR A 21 18.20 9.69 14.18
N LYS A 22 18.37 9.47 15.48
CA LYS A 22 19.66 9.24 16.07
C LYS A 22 20.35 8.15 15.28
N PHE A 23 19.55 7.16 14.90
CA PHE A 23 20.04 6.02 14.13
C PHE A 23 20.51 6.47 12.76
N ALA A 24 19.67 7.26 12.10
CA ALA A 24 19.91 7.67 10.73
C ALA A 24 21.12 8.57 10.72
N ARG A 25 21.28 9.36 11.80
CA ARG A 25 22.37 10.29 11.91
C ARG A 25 23.62 9.45 11.91
N LYS A 26 23.65 8.41 12.74
CA LYS A 26 24.82 7.54 12.85
C LYS A 26 25.22 6.83 11.54
N HIS A 27 24.25 6.37 10.77
CA HIS A 27 24.62 5.58 9.59
C HIS A 27 24.52 6.35 8.32
N HIS A 28 24.47 7.67 8.41
CA HIS A 28 24.49 8.49 7.23
C HIS A 28 23.30 8.14 6.32
N ILE A 29 22.08 8.07 6.89
CA ILE A 29 20.88 7.72 6.12
C ILE A 29 20.01 8.95 6.01
N THR A 30 19.43 9.19 4.83
CA THR A 30 18.55 10.33 4.66
C THR A 30 17.19 9.93 5.22
N LEU A 31 16.54 10.85 5.91
CA LEU A 31 15.27 10.57 6.57
C LEU A 31 14.28 11.69 6.24
N THR A 32 13.09 11.32 5.79
CA THR A 32 12.16 12.32 5.27
C THR A 32 10.77 12.10 5.79
N ASN A 33 9.90 13.09 5.61
CA ASN A 33 8.52 12.92 5.96
C ASN A 33 7.70 12.17 4.94
N LEU A 34 7.97 12.41 3.65
CA LEU A 34 7.11 11.91 2.60
C LEU A 34 7.85 10.83 1.89
N ILE A 35 7.17 9.74 1.58
CA ILE A 35 7.73 8.70 0.72
C ILE A 35 7.79 9.21 -0.72
N THR A 36 8.87 8.94 -1.42
CA THR A 36 8.95 9.25 -2.84
C THR A 36 9.49 7.99 -3.47
N GLU A 37 9.89 8.08 -4.75
CA GLU A 37 10.49 6.98 -5.49
C GLU A 37 11.89 6.75 -4.94
N GLU A 38 12.54 7.82 -4.47
CA GLU A 38 13.89 7.71 -3.92
C GLU A 38 13.91 6.99 -2.55
N THR A 39 12.79 6.97 -1.82
CA THR A 39 12.76 6.22 -0.56
C THR A 39 13.23 4.81 -0.86
N THR A 40 14.08 4.27 0.01
CA THR A 40 14.50 2.89 -0.13
C THR A 40 14.01 2.07 1.04
N HIS A 41 13.67 2.73 2.16
CA HIS A 41 13.20 2.01 3.36
C HIS A 41 11.94 2.63 3.97
N VAL A 42 11.13 1.78 4.58
CA VAL A 42 9.97 2.24 5.31
C VAL A 42 9.99 1.63 6.73
N VAL A 43 9.97 2.46 7.77
CA VAL A 43 10.06 1.87 9.10
C VAL A 43 8.71 1.81 9.79
N MET A 44 8.18 0.59 9.95
CA MET A 44 6.87 0.41 10.58
C MET A 44 6.95 0.10 12.07
N LYS A 45 6.18 0.81 12.87
CA LYS A 45 5.77 0.25 14.16
C LYS A 45 5.16 -1.13 13.88
N THR A 46 5.65 -2.16 14.57
CA THR A 46 5.15 -3.54 14.46
C THR A 46 5.08 -4.11 15.87
N ASP A 47 4.62 -5.36 16.01
CA ASP A 47 4.73 -6.07 17.29
C ASP A 47 5.97 -6.98 17.32
N ALA A 48 6.15 -7.71 18.41
CA ALA A 48 7.36 -8.48 18.65
C ALA A 48 7.74 -9.37 17.48
N GLU A 49 6.75 -9.73 16.66
CA GLU A 49 7.04 -10.61 15.53
C GLU A 49 6.66 -10.02 14.18
N PHE A 50 6.79 -8.69 14.10
CA PHE A 50 6.89 -7.97 12.82
C PHE A 50 5.59 -7.83 12.05
N VAL A 51 4.49 -7.78 12.79
CA VAL A 51 3.18 -7.49 12.25
C VAL A 51 2.83 -6.05 12.57
N CYS A 52 2.54 -5.29 11.53
CA CYS A 52 2.22 -3.87 11.63
C CYS A 52 0.77 -3.63 11.30
N GLU A 53 0.37 -2.39 11.43
CA GLU A 53 -0.87 -1.96 10.90
C GLU A 53 -0.69 -1.53 9.46
N ARG A 54 -1.82 -1.49 8.74
CA ARG A 54 -1.88 -1.01 7.34
C ARG A 54 -1.98 0.50 7.22
N THR A 55 -0.88 1.12 6.79
CA THR A 55 -0.84 2.54 6.46
C THR A 55 -0.53 2.83 5.00
N LEU A 56 -0.96 4.02 4.59
CA LEU A 56 -0.59 4.54 3.29
C LEU A 56 0.86 4.27 2.91
N LYS A 57 1.81 4.55 3.78
CA LYS A 57 3.22 4.29 3.45
C LYS A 57 3.53 2.81 3.32
N TYR A 58 2.86 2.02 4.16
CA TYR A 58 2.97 0.58 4.12
C TYR A 58 2.66 0.18 2.71
N PHE A 59 1.42 0.45 2.29
CA PHE A 59 1.04 0.23 0.90
C PHE A 59 2.07 0.68 -0.12
N LEU A 60 2.52 1.90 0.01
CA LEU A 60 3.30 2.48 -1.06
C LEU A 60 4.71 1.96 -1.09
N GLY A 61 5.22 1.54 0.07
CA GLY A 61 6.51 0.93 0.17
C GLY A 61 6.47 -0.51 -0.31
N ILE A 62 5.33 -1.20 -0.15
CA ILE A 62 5.21 -2.53 -0.76
C ILE A 62 5.14 -2.28 -2.27
N ALA A 63 4.16 -1.49 -2.69
CA ALA A 63 4.00 -1.19 -4.12
C ALA A 63 5.33 -0.92 -4.84
N GLY A 64 6.23 -0.17 -4.20
CA GLY A 64 7.45 0.24 -4.85
C GLY A 64 8.58 -0.69 -4.55
N GLY A 65 8.31 -1.93 -4.12
CA GLY A 65 9.39 -2.91 -3.80
C GLY A 65 10.47 -2.45 -2.80
N LYS A 66 10.09 -1.65 -1.80
CA LYS A 66 11.06 -1.05 -0.90
C LYS A 66 11.36 -1.93 0.32
N TRP A 67 12.33 -1.54 1.13
CA TRP A 67 12.55 -2.26 2.38
C TRP A 67 11.49 -1.84 3.38
N VAL A 68 10.57 -2.72 3.66
CA VAL A 68 9.53 -2.42 4.63
C VAL A 68 9.95 -3.15 5.92
N VAL A 69 10.54 -2.41 6.87
CA VAL A 69 11.14 -3.04 8.05
C VAL A 69 10.59 -2.59 9.38
N SER A 70 10.75 -3.47 10.36
CA SER A 70 10.25 -3.18 11.70
C SER A 70 11.08 -2.07 12.27
N TYR A 71 10.41 -1.27 13.10
CA TYR A 71 11.10 -0.37 13.99
C TYR A 71 12.16 -1.14 14.83
N PHE A 72 11.96 -2.45 15.00
CA PHE A 72 12.94 -3.24 15.77
C PHE A 72 14.29 -3.25 15.07
N TRP A 73 14.27 -3.07 13.75
CA TRP A 73 15.49 -3.00 12.99
C TRP A 73 16.34 -1.91 13.57
N VAL A 74 15.66 -0.80 13.84
CA VAL A 74 16.26 0.38 14.43
C VAL A 74 16.74 0.17 15.90
N THR A 75 15.82 -0.15 16.82
CA THR A 75 16.16 -0.24 18.25
C THR A 75 17.26 -1.25 18.51
N GLN A 76 17.31 -2.30 17.68
CA GLN A 76 18.33 -3.31 17.89
C GLN A 76 19.65 -2.82 17.33
N SER A 77 19.66 -2.32 16.10
CA SER A 77 20.88 -1.78 15.56
C SER A 77 21.44 -0.76 16.54
N ILE A 78 20.59 -0.13 17.32
CA ILE A 78 21.10 0.82 18.29
C ILE A 78 21.65 0.04 19.46
N LYS A 79 20.83 -0.85 20.02
CA LYS A 79 21.21 -1.70 21.13
C LYS A 79 22.53 -2.35 20.82
N GLU A 80 22.71 -2.75 19.57
CA GLU A 80 23.93 -3.46 19.20
C GLU A 80 24.99 -2.61 18.58
N ARG A 81 24.88 -1.29 18.72
CA ARG A 81 25.91 -0.36 18.25
C ARG A 81 26.46 -0.68 16.84
N LYS A 82 25.60 -1.19 15.97
CA LYS A 82 25.93 -1.33 14.54
C LYS A 82 24.67 -1.58 13.68
N MET A 83 24.75 -1.34 12.38
CA MET A 83 23.58 -1.55 11.52
C MET A 83 23.32 -2.99 11.17
N LEU A 84 22.29 -3.54 11.81
CA LEU A 84 21.81 -4.89 11.47
C LEU A 84 21.26 -5.01 10.03
N ASN A 85 20.92 -6.23 9.65
CA ASN A 85 20.51 -6.53 8.29
C ASN A 85 18.98 -6.52 8.14
N GLU A 86 18.52 -5.95 7.03
CA GLU A 86 17.11 -5.68 6.84
C GLU A 86 16.35 -6.99 6.76
N HIS A 87 16.96 -7.99 6.12
CA HIS A 87 16.33 -9.29 5.92
C HIS A 87 15.83 -9.84 7.22
N ASP A 88 16.56 -9.57 8.31
CA ASP A 88 16.21 -10.07 9.65
C ASP A 88 15.05 -9.30 10.32
N PHE A 89 14.77 -8.10 9.83
CA PHE A 89 13.69 -7.32 10.41
C PHE A 89 12.48 -7.04 9.50
N GLU A 90 12.49 -7.59 8.28
CA GLU A 90 11.44 -7.39 7.27
C GLU A 90 10.02 -7.69 7.75
N VAL A 91 9.16 -6.68 7.77
CA VAL A 91 7.81 -6.91 8.26
C VAL A 91 7.14 -8.08 7.51
N ARG A 92 6.28 -8.79 8.22
CA ARG A 92 5.93 -10.11 7.78
C ARG A 92 4.44 -10.21 7.51
N GLY A 93 3.67 -9.24 7.98
CA GLY A 93 2.23 -9.31 7.95
C GLY A 93 1.62 -8.08 8.55
N ASP A 94 0.29 -8.01 8.53
CA ASP A 94 -0.33 -6.86 9.07
C ASP A 94 -1.59 -7.33 9.78
N VAL A 95 -2.30 -6.45 10.46
CA VAL A 95 -3.39 -6.95 11.32
C VAL A 95 -4.64 -7.33 10.50
N VAL A 96 -4.64 -6.97 9.21
CA VAL A 96 -5.79 -7.21 8.38
C VAL A 96 -5.49 -8.41 7.47
N ASN A 97 -4.32 -8.44 6.85
CA ASN A 97 -4.10 -9.41 5.78
C ASN A 97 -3.41 -10.70 6.17
N GLY A 98 -3.12 -10.86 7.47
CA GLY A 98 -2.48 -12.06 7.99
C GLY A 98 -1.07 -11.78 8.49
N ARG A 99 -0.62 -12.58 9.46
CA ARG A 99 0.63 -12.28 10.15
C ARG A 99 1.88 -12.71 9.34
N ASN A 100 1.72 -13.64 8.41
CA ASN A 100 2.88 -14.27 7.83
C ASN A 100 2.97 -14.27 6.31
N HIS A 101 2.29 -13.32 5.67
CA HIS A 101 2.17 -13.33 4.21
C HIS A 101 3.41 -12.87 3.43
N GLN A 102 4.18 -11.95 4.00
CA GLN A 102 5.46 -11.50 3.43
C GLN A 102 5.35 -10.73 2.11
N GLY A 103 4.28 -9.94 1.98
CA GLY A 103 4.14 -8.98 0.90
C GLY A 103 5.44 -8.25 0.60
N PRO A 104 6.00 -7.60 1.63
CA PRO A 104 7.27 -6.89 1.50
C PRO A 104 8.31 -7.69 0.76
N LYS A 105 8.59 -8.92 1.21
CA LYS A 105 9.47 -9.86 0.51
C LYS A 105 8.94 -10.18 -0.90
N ARG A 106 7.71 -10.68 -1.02
CA ARG A 106 7.19 -11.01 -2.36
C ARG A 106 7.56 -9.85 -3.29
N ALA A 107 7.11 -8.64 -2.92
CA ALA A 107 7.24 -7.47 -3.79
C ALA A 107 8.67 -7.09 -4.00
N ARG A 108 9.46 -7.26 -2.96
CA ARG A 108 10.85 -6.89 -3.05
C ARG A 108 11.49 -7.66 -4.21
N GLU A 109 11.20 -8.95 -4.30
CA GLU A 109 11.74 -9.79 -5.36
C GLU A 109 11.03 -9.64 -6.73
N SER A 110 9.71 -9.76 -6.74
CA SER A 110 8.92 -9.83 -7.96
C SER A 110 8.78 -8.51 -8.73
N GLN A 111 9.86 -7.74 -8.88
CA GLN A 111 9.75 -6.42 -9.55
C GLN A 111 9.54 -6.46 -11.07
N ASP A 112 9.54 -7.68 -11.62
CA ASP A 112 9.13 -7.96 -13.00
C ASP A 112 7.70 -8.51 -12.99
N ARG A 113 7.51 -9.76 -12.57
CA ARG A 113 6.17 -10.33 -12.33
C ARG A 113 5.36 -9.43 -11.34
N LYS A 114 4.89 -8.29 -11.86
CA LYS A 114 4.32 -7.17 -11.11
C LYS A 114 2.79 -7.31 -11.04
N ILE A 115 2.26 -7.51 -9.83
CA ILE A 115 0.90 -8.02 -9.61
C ILE A 115 -0.24 -7.49 -10.47
N PHE A 116 -0.19 -6.25 -10.95
CA PHE A 116 -1.23 -5.70 -11.82
C PHE A 116 -0.84 -5.56 -13.30
N ARG A 117 0.22 -6.25 -13.75
CA ARG A 117 0.55 -6.33 -15.20
C ARG A 117 -0.71 -6.26 -16.07
N GLY A 118 -0.63 -5.50 -17.15
CA GLY A 118 -1.68 -5.48 -18.17
C GLY A 118 -3.13 -5.40 -17.69
N LEU A 119 -3.32 -4.79 -16.50
CA LEU A 119 -4.65 -4.34 -16.02
C LEU A 119 -4.68 -2.84 -16.27
N GLU A 120 -5.89 -2.28 -16.29
CA GLU A 120 -6.13 -0.89 -16.57
C GLU A 120 -7.19 -0.46 -15.60
N ILE A 121 -6.77 0.32 -14.60
CA ILE A 121 -7.64 0.60 -13.48
C ILE A 121 -8.11 2.02 -13.49
N CYS A 122 -9.31 2.21 -12.96
CA CYS A 122 -9.82 3.53 -12.76
C CYS A 122 -10.35 3.76 -11.36
N CYS A 123 -9.69 4.67 -10.65
CA CYS A 123 -10.13 5.03 -9.33
C CYS A 123 -11.24 6.04 -9.40
N TYR A 124 -12.45 5.53 -9.47
CA TYR A 124 -13.62 6.37 -9.65
C TYR A 124 -13.89 7.03 -8.31
N GLY A 125 -13.37 8.27 -8.14
CA GLY A 125 -13.28 9.01 -6.82
C GLY A 125 -14.66 9.00 -6.18
N PRO A 126 -14.82 9.43 -4.90
CA PRO A 126 -13.94 10.00 -3.87
C PRO A 126 -13.41 8.94 -2.88
N PHE A 127 -12.34 9.25 -2.16
CA PHE A 127 -11.76 8.32 -1.18
C PHE A 127 -11.39 8.98 0.15
N THR A 128 -11.59 8.27 1.26
CA THR A 128 -11.08 8.79 2.54
C THR A 128 -9.61 8.45 2.80
N ASN A 129 -8.90 9.40 3.41
CA ASN A 129 -7.56 9.19 4.00
C ASN A 129 -6.46 8.89 3.03
N MET A 130 -6.64 9.34 1.80
CA MET A 130 -5.88 8.86 0.70
C MET A 130 -6.27 9.69 -0.50
N PRO A 131 -5.42 10.65 -0.87
CA PRO A 131 -5.71 11.23 -2.18
C PRO A 131 -5.75 10.17 -3.31
N THR A 132 -6.73 10.36 -4.20
CA THR A 132 -6.90 9.53 -5.35
C THR A 132 -5.57 9.26 -6.02
N ASP A 133 -4.78 10.29 -6.25
CA ASP A 133 -3.56 10.12 -7.01
C ASP A 133 -2.55 9.23 -6.32
N GLN A 134 -2.70 9.06 -5.01
CA GLN A 134 -1.89 8.10 -4.27
C GLN A 134 -2.38 6.69 -4.59
N LEU A 135 -3.67 6.48 -4.49
CA LEU A 135 -4.22 5.22 -4.90
C LEU A 135 -3.73 4.91 -6.33
N GLU A 136 -3.83 5.90 -7.24
CA GLU A 136 -3.37 5.73 -8.63
C GLU A 136 -1.90 5.44 -8.71
N TRP A 137 -1.10 6.20 -7.99
CA TRP A 137 0.32 5.90 -7.93
C TRP A 137 0.57 4.50 -7.44
N MET A 138 -0.18 4.11 -6.39
CA MET A 138 -0.08 2.76 -5.87
C MET A 138 -0.32 1.74 -6.99
N VAL A 139 -1.49 1.76 -7.65
CA VAL A 139 -1.73 0.77 -8.73
C VAL A 139 -0.64 0.84 -9.83
N GLN A 140 -0.22 2.06 -10.18
CA GLN A 140 0.86 2.18 -11.13
C GLN A 140 2.14 1.50 -10.67
N LEU A 141 2.63 1.77 -9.47
CA LEU A 141 3.88 1.05 -9.06
C LEU A 141 3.71 -0.47 -9.20
N CYS A 142 2.46 -0.91 -9.18
CA CYS A 142 2.17 -2.31 -9.26
C CYS A 142 1.91 -2.75 -10.69
N GLY A 143 2.17 -1.86 -11.65
CA GLY A 143 2.03 -2.16 -13.06
C GLY A 143 0.66 -2.08 -13.72
N ALA A 144 -0.29 -1.36 -13.12
CA ALA A 144 -1.52 -1.05 -13.84
C ALA A 144 -1.26 0.22 -14.62
N SER A 145 -2.22 0.62 -15.44
CA SER A 145 -2.18 1.92 -16.04
C SER A 145 -3.47 2.58 -15.62
N VAL A 146 -3.45 3.90 -15.50
CA VAL A 146 -4.51 4.59 -14.86
C VAL A 146 -5.38 5.30 -15.84
N VAL A 147 -6.66 4.98 -15.80
CA VAL A 147 -7.58 5.72 -16.57
C VAL A 147 -8.22 6.69 -15.63
N LYS A 148 -8.49 7.88 -16.16
CA LYS A 148 -8.96 8.98 -15.36
C LYS A 148 -10.47 9.07 -15.39
N GLU A 149 -11.07 8.45 -16.39
CA GLU A 149 -12.45 8.75 -16.79
C GLU A 149 -13.13 7.48 -17.20
N LEU A 150 -14.34 7.27 -16.73
CA LEU A 150 -15.06 6.05 -17.10
C LEU A 150 -15.04 5.69 -18.59
N SER A 151 -15.11 6.69 -19.46
CA SER A 151 -15.10 6.46 -20.89
C SER A 151 -13.70 6.29 -21.46
N SER A 152 -12.65 6.67 -20.74
CA SER A 152 -11.30 6.60 -21.30
C SER A 152 -10.68 5.22 -21.23
N PHE A 153 -11.49 4.19 -21.10
CA PHE A 153 -10.93 2.85 -21.10
C PHE A 153 -10.44 2.50 -22.51
N THR A 154 -9.38 1.71 -22.57
CA THR A 154 -8.70 1.33 -23.82
C THR A 154 -9.05 -0.12 -24.14
N LEU A 155 -10.35 -0.38 -24.28
CA LEU A 155 -10.81 -1.71 -24.69
C LEU A 155 -10.23 -2.03 -26.07
N GLY A 156 -10.25 -3.30 -26.41
CA GLY A 156 -9.73 -3.76 -27.67
C GLY A 156 -9.27 -5.14 -27.31
N THR A 157 -8.06 -5.49 -27.75
CA THR A 157 -7.54 -6.81 -27.43
C THR A 157 -6.80 -6.83 -26.07
N GLY A 158 -6.76 -7.99 -25.42
CA GLY A 158 -5.90 -8.25 -24.26
C GLY A 158 -6.08 -7.51 -22.94
N VAL A 159 -6.54 -6.25 -22.98
CA VAL A 159 -6.40 -5.34 -21.83
C VAL A 159 -7.65 -5.19 -20.98
N HIS A 160 -7.58 -5.72 -19.77
CA HIS A 160 -8.74 -5.78 -18.88
C HIS A 160 -8.88 -4.55 -18.02
N PRO A 161 -10.08 -3.99 -18.00
CA PRO A 161 -10.43 -2.82 -17.21
C PRO A 161 -10.96 -3.17 -15.82
N ILE A 162 -10.73 -2.25 -14.87
CA ILE A 162 -11.34 -2.32 -13.53
C ILE A 162 -11.66 -0.97 -12.98
N VAL A 163 -12.87 -0.82 -12.48
CA VAL A 163 -13.22 0.39 -11.74
C VAL A 163 -13.09 0.11 -10.26
N VAL A 164 -12.38 0.96 -9.54
CA VAL A 164 -12.19 0.76 -8.12
C VAL A 164 -12.94 1.84 -7.39
N VAL A 165 -13.76 1.46 -6.42
CA VAL A 165 -14.45 2.51 -5.65
C VAL A 165 -14.41 2.24 -4.17
N GLN A 166 -14.75 3.27 -3.42
CA GLN A 166 -14.88 3.18 -1.99
C GLN A 166 -16.31 3.56 -1.67
N PRO A 167 -17.23 2.58 -1.69
CA PRO A 167 -18.65 2.80 -1.47
C PRO A 167 -18.98 3.78 -0.34
N ASP A 168 -18.51 3.48 0.87
CA ASP A 168 -18.95 4.27 2.00
C ASP A 168 -18.22 5.59 2.09
N ALA A 169 -17.59 5.99 0.99
CA ALA A 169 -17.02 7.34 0.89
C ALA A 169 -17.97 8.29 0.15
N TRP A 170 -19.15 7.80 -0.21
CA TRP A 170 -20.10 8.56 -1.02
C TRP A 170 -21.16 9.34 -0.21
N THR A 171 -21.52 10.51 -0.73
CA THR A 171 -22.47 11.43 -0.10
C THR A 171 -23.88 10.91 -0.25
N GLU A 172 -24.55 11.39 -1.30
CA GLU A 172 -25.80 10.79 -1.78
C GLU A 172 -25.41 9.53 -2.56
N ASP A 173 -25.37 8.41 -1.84
CA ASP A 173 -24.79 7.19 -2.36
C ASP A 173 -25.64 6.39 -3.40
N ASN A 174 -25.41 5.09 -3.43
CA ASN A 174 -25.92 4.13 -4.45
C ASN A 174 -25.70 4.50 -5.94
N GLY A 175 -25.33 5.77 -6.19
CA GLY A 175 -24.74 6.17 -7.46
C GLY A 175 -23.59 5.25 -7.85
N PHE A 176 -22.86 4.73 -6.86
CA PHE A 176 -21.82 3.70 -7.08
C PHE A 176 -22.41 2.30 -7.39
N HIS A 177 -23.70 2.25 -7.72
CA HIS A 177 -24.33 1.03 -8.20
C HIS A 177 -24.70 1.18 -9.65
N ALA A 178 -24.82 2.44 -10.06
CA ALA A 178 -25.16 2.85 -11.42
C ALA A 178 -23.98 2.90 -12.38
N ILE A 179 -22.88 2.21 -12.08
CA ILE A 179 -21.67 2.40 -12.89
C ILE A 179 -21.64 1.46 -14.10
N GLY A 180 -22.36 0.34 -14.00
CA GLY A 180 -22.48 -0.64 -15.09
C GLY A 180 -23.15 -0.01 -16.29
N GLN A 181 -24.12 0.86 -16.04
CA GLN A 181 -24.84 1.67 -17.04
C GLN A 181 -23.99 2.76 -17.70
N MET A 182 -22.70 2.76 -17.38
CA MET A 182 -21.77 3.74 -17.88
C MET A 182 -20.59 3.06 -18.51
N CYS A 183 -20.49 1.73 -18.39
CA CYS A 183 -19.46 1.03 -19.17
C CYS A 183 -19.28 -0.44 -18.84
N GLU A 184 -18.28 -1.02 -19.50
CA GLU A 184 -18.11 -2.47 -19.57
C GLU A 184 -16.95 -2.97 -18.75
N ALA A 185 -16.94 -2.58 -17.48
CA ALA A 185 -15.89 -3.00 -16.54
C ALA A 185 -16.45 -3.59 -15.21
N PRO A 186 -15.75 -4.61 -14.65
CA PRO A 186 -16.00 -5.01 -13.25
C PRO A 186 -15.85 -3.81 -12.28
N VAL A 187 -16.67 -3.74 -11.24
CA VAL A 187 -16.49 -2.70 -10.25
C VAL A 187 -16.08 -3.21 -8.84
N VAL A 188 -14.79 -3.14 -8.49
CA VAL A 188 -14.39 -3.60 -7.18
C VAL A 188 -14.31 -2.49 -6.12
N THR A 189 -14.50 -2.88 -4.84
CA THR A 189 -14.09 -2.08 -3.67
C THR A 189 -12.57 -1.80 -3.72
N ARG A 190 -12.19 -0.68 -3.11
CA ARG A 190 -10.77 -0.36 -2.85
C ARG A 190 -10.06 -1.43 -2.06
N GLU A 191 -10.80 -2.19 -1.25
CA GLU A 191 -10.21 -3.27 -0.45
C GLU A 191 -9.53 -4.27 -1.36
N TRP A 192 -10.02 -4.35 -2.60
CA TRP A 192 -9.43 -5.27 -3.55
C TRP A 192 -7.98 -4.87 -3.84
N VAL A 193 -7.74 -3.56 -3.90
CA VAL A 193 -6.41 -3.03 -4.22
C VAL A 193 -5.53 -3.20 -2.96
N LEU A 194 -6.08 -2.70 -1.85
CA LEU A 194 -5.33 -2.75 -0.60
C LEU A 194 -4.94 -4.18 -0.23
N ASP A 195 -5.89 -5.13 -0.23
CA ASP A 195 -5.48 -6.51 0.05
C ASP A 195 -4.49 -6.99 -1.01
N SER A 196 -4.76 -6.76 -2.29
CA SER A 196 -3.82 -7.24 -3.31
C SER A 196 -2.42 -6.76 -2.98
N VAL A 197 -2.31 -5.46 -2.72
CA VAL A 197 -1.02 -4.87 -2.47
C VAL A 197 -0.40 -5.40 -1.16
N ALA A 198 -1.20 -5.49 -0.11
CA ALA A 198 -0.67 -6.08 1.13
C ALA A 198 0.02 -7.41 0.83
N LEU A 199 -0.69 -8.27 0.10
CA LEU A 199 -0.29 -9.63 -0.08
C LEU A 199 0.68 -9.74 -1.23
N TYR A 200 0.99 -8.59 -1.84
CA TYR A 200 1.63 -8.56 -3.14
C TYR A 200 1.23 -9.73 -4.04
N GLN A 201 -0.08 -9.89 -4.22
CA GLN A 201 -0.59 -10.93 -5.06
C GLN A 201 -2.01 -10.64 -5.46
N CYS A 202 -2.15 -10.35 -6.73
CA CYS A 202 -3.40 -10.00 -7.34
C CYS A 202 -4.57 -10.84 -6.87
N GLN A 203 -5.44 -10.29 -6.03
CA GLN A 203 -6.62 -11.06 -5.62
C GLN A 203 -7.66 -11.17 -6.72
N GLU A 204 -8.53 -12.15 -6.55
CA GLU A 204 -9.62 -12.28 -7.47
C GLU A 204 -10.76 -11.45 -6.99
N LEU A 205 -11.47 -10.91 -7.95
CA LEU A 205 -12.42 -9.87 -7.73
C LEU A 205 -13.60 -10.34 -6.92
N ASP A 206 -13.88 -11.62 -7.06
CA ASP A 206 -15.10 -12.23 -6.56
C ASP A 206 -15.62 -11.62 -5.26
N THR A 207 -14.78 -11.63 -4.23
CA THR A 207 -15.27 -11.19 -2.92
C THR A 207 -15.29 -9.66 -2.79
N TYR A 208 -14.84 -8.96 -3.83
CA TYR A 208 -14.85 -7.50 -3.85
C TYR A 208 -15.83 -6.90 -4.84
N LEU A 209 -16.43 -7.74 -5.70
CA LEU A 209 -17.28 -7.24 -6.78
C LEU A 209 -18.49 -6.57 -6.25
N ILE A 210 -18.78 -5.38 -6.75
CA ILE A 210 -19.94 -4.64 -6.34
C ILE A 210 -21.01 -4.92 -7.38
N PRO A 211 -22.24 -5.16 -6.91
CA PRO A 211 -23.08 -5.68 -7.96
C PRO A 211 -23.66 -4.48 -8.73
N GLN A 212 -23.79 -4.66 -10.04
CA GLN A 212 -24.12 -3.55 -10.92
C GLN A 212 -25.52 -3.63 -11.48
N ILE A 213 -26.27 -2.55 -11.27
CA ILE A 213 -27.60 -2.39 -11.85
C ILE A 213 -27.46 -2.24 -13.37
N PRO A 214 -27.95 -3.24 -14.15
CA PRO A 214 -28.25 -2.82 -15.52
C PRO A 214 -29.30 -1.69 -15.47
N PRO B 1 -7.36 -0.14 20.41
CA PRO B 1 -7.55 0.96 19.44
C PRO B 1 -7.10 2.36 19.98
N THR B 2 -6.20 3.05 19.24
CA THR B 2 -5.74 4.42 19.58
C THR B 2 -5.46 5.34 18.37
N ARG B 3 -4.50 4.92 17.52
CA ARG B 3 -3.91 5.69 16.38
C ARG B 3 -2.90 6.77 16.77
N VAL B 4 -1.67 6.54 16.35
CA VAL B 4 -0.52 7.22 16.91
C VAL B 4 0.06 8.32 15.97
N SER B 5 -0.04 8.06 14.67
CA SER B 5 0.28 9.07 13.64
C SER B 5 -0.64 9.01 12.39
N SEP B 6 -0.20 8.30 11.34
CA SEP B 6 -0.92 8.25 10.07
CB SEP B 6 -0.01 7.66 8.99
OG SEP B 6 1.06 8.54 8.78
C SEP B 6 -2.26 7.46 10.13
O SEP B 6 -2.36 6.47 10.87
P SEP B 6 2.50 7.91 9.02
O1P SEP B 6 2.82 6.74 7.99
O2P SEP B 6 2.54 7.33 10.54
O3P SEP B 6 3.57 9.09 8.84
N PRO B 7 -3.28 7.90 9.39
CA PRO B 7 -4.46 7.05 9.28
C PRO B 7 -4.15 5.58 9.01
N VAL B 8 -4.97 4.71 9.59
CA VAL B 8 -4.78 3.25 9.50
C VAL B 8 -5.89 2.63 8.63
N PHE B 9 -5.60 1.51 7.97
CA PHE B 9 -6.60 0.87 7.08
C PHE B 9 -6.93 -0.54 7.51
N GLY B 10 -8.07 -0.62 8.21
CA GLY B 10 -8.35 -1.77 9.03
C GLY B 10 -9.45 -2.69 8.57
N ALA B 11 -9.65 -3.77 9.32
CA ALA B 11 -10.75 -4.74 9.14
C ALA B 11 -11.85 -4.25 8.17
N THR B 12 -12.08 -5.08 7.15
CA THR B 12 -12.85 -4.74 5.96
C THR B 12 -14.36 -4.49 6.24
CO CO C . -8.06 -12.09 -19.43
S SO4 D . -14.06 0.12 0.52
O1 SO4 D . -15.16 1.03 0.93
O2 SO4 D . -12.73 0.62 0.89
O3 SO4 D . -14.27 -1.22 1.08
O4 SO4 D . -14.04 0.05 -0.94
#